data_5YGI
#
_entry.id   5YGI
#
_cell.length_a   111.743
_cell.length_b   111.743
_cell.length_c   66.191
_cell.angle_alpha   90.00
_cell.angle_beta   90.00
_cell.angle_gamma   90.00
#
_symmetry.space_group_name_H-M   'P 41 21 2'
#
loop_
_entity.id
_entity.type
_entity.pdbx_description
1 polymer 'Farnesyl pyrophosphate synthase'
2 non-polymer 'PHOSPHATE ION'
3 non-polymer 'MAGNESIUM ION'
4 non-polymer '[[(4-hexoxypyridin-2-yl)amino]-phosphono-methyl]phosphonic acid'
5 water water
#
_entity_poly.entity_id   1
_entity_poly.type   'polypeptide(L)'
_entity_poly.pdbx_seq_one_letter_code
;NSDVYAQEKQDFVQHFSQIVRVLTEDEMGHPEIGDAIARLKEVLEYNAIGGKYNRGLTVVVAFRELVEPRKQDADSLQRA
WTVGWCVELLQAFFLVADDIMDSSLTRRGQICWYQKPGVGLDAINDANLLEACIYRLLKLYCREQPYYLNLIELFLQSSY
QTEIGQTLDLLTAPQGNVDLVRFTEKRYKSIVKYKTAFYSFYLPIAAAMYMAGIDGEKEHANAKKILLEMGEFFQIQDDY
LDLFGDPSVTGKIGTDIQDNKCSWLVVQCLQRATPEQYQILKENYGQKEAEKVARVKALYEELDLPAVFLQYEEDSYSHI
MALIEQYAAPLPPAVFLGLARKIYKRRK
;
_entity_poly.pdbx_strand_id   A
#
# COMPACT_ATOMS: atom_id res chain seq x y z
N ASP A 3 -16.92 2.89 -14.13
CA ASP A 3 -15.54 2.82 -13.65
C ASP A 3 -14.97 1.40 -13.79
N VAL A 4 -13.88 1.28 -14.55
CA VAL A 4 -13.31 -0.04 -14.86
C VAL A 4 -12.98 -0.81 -13.59
N TYR A 5 -12.45 -0.14 -12.56
CA TYR A 5 -12.18 -0.83 -11.30
C TYR A 5 -13.46 -1.39 -10.69
N ALA A 6 -14.54 -0.59 -10.69
CA ALA A 6 -15.78 -0.96 -10.03
C ALA A 6 -16.38 -2.23 -10.60
N GLN A 7 -16.30 -2.39 -11.91
CA GLN A 7 -16.89 -3.57 -12.55
C GLN A 7 -16.06 -4.81 -12.26
N GLU A 8 -14.74 -4.73 -12.42
CA GLU A 8 -13.86 -5.89 -12.30
C GLU A 8 -13.77 -6.44 -10.88
N LYS A 9 -14.24 -5.69 -9.87
CA LYS A 9 -13.95 -6.05 -8.48
C LYS A 9 -14.41 -7.47 -8.17
N GLN A 10 -15.65 -7.79 -8.55
CA GLN A 10 -16.23 -9.07 -8.16
C GLN A 10 -15.60 -10.24 -8.91
N ASP A 11 -15.32 -10.07 -10.20
CA ASP A 11 -14.64 -11.13 -10.93
C ASP A 11 -13.25 -11.36 -10.38
N PHE A 12 -12.61 -10.29 -9.89
CA PHE A 12 -11.29 -10.44 -9.27
C PHE A 12 -11.41 -11.14 -7.94
N VAL A 13 -12.33 -10.70 -7.07
CA VAL A 13 -12.55 -11.37 -5.81
C VAL A 13 -12.95 -12.82 -6.05
N GLN A 14 -13.84 -13.04 -7.02
CA GLN A 14 -14.27 -14.40 -7.33
C GLN A 14 -13.08 -15.32 -7.60
N HIS A 15 -12.03 -14.80 -8.24
CA HIS A 15 -10.87 -15.63 -8.58
C HIS A 15 -10.05 -16.04 -7.36
N PHE A 16 -10.37 -15.55 -6.17
CA PHE A 16 -9.53 -15.82 -4.99
C PHE A 16 -9.59 -17.28 -4.57
N SER A 17 -10.76 -17.91 -4.70
CA SER A 17 -10.90 -19.32 -4.36
C SER A 17 -9.91 -20.19 -5.11
N GLN A 18 -9.67 -19.88 -6.39
CA GLN A 18 -8.71 -20.66 -7.16
C GLN A 18 -7.29 -20.43 -6.67
N ILE A 19 -6.95 -19.18 -6.35
CA ILE A 19 -5.65 -18.89 -5.77
C ILE A 19 -5.41 -19.75 -4.53
N VAL A 20 -6.37 -19.74 -3.60
CA VAL A 20 -6.20 -20.55 -2.40
C VAL A 20 -6.15 -22.04 -2.76
N ARG A 21 -7.01 -22.47 -3.68
CA ARG A 21 -7.02 -23.88 -4.08
C ARG A 21 -5.64 -24.33 -4.55
N VAL A 22 -5.03 -23.56 -5.45
CA VAL A 22 -3.75 -23.96 -6.03
C VAL A 22 -2.63 -23.87 -4.99
N LEU A 23 -2.73 -22.92 -4.04
CA LEU A 23 -1.71 -22.77 -3.02
C LEU A 23 -1.81 -23.82 -1.92
N THR A 24 -3.00 -24.34 -1.64
CA THR A 24 -3.20 -25.23 -0.49
C THR A 24 -3.31 -26.66 -0.99
N GLU A 25 -2.21 -27.16 -1.55
CA GLU A 25 -2.18 -28.45 -2.22
C GLU A 25 -0.75 -28.85 -2.62
N HIS A 30 2.19 -34.40 -0.46
CA HIS A 30 2.83 -34.14 0.82
C HIS A 30 1.84 -33.93 1.96
N PRO A 31 1.12 -34.97 2.36
CA PRO A 31 0.15 -34.82 3.46
C PRO A 31 0.80 -34.53 4.81
N GLU A 32 2.10 -34.74 4.96
CA GLU A 32 2.75 -34.50 6.25
C GLU A 32 2.67 -33.04 6.65
N ILE A 33 2.82 -32.12 5.69
CA ILE A 33 2.71 -30.69 5.97
C ILE A 33 1.25 -30.27 5.87
N GLY A 34 0.34 -31.24 5.95
CA GLY A 34 -1.07 -30.94 5.82
C GLY A 34 -1.54 -29.86 6.78
N ASP A 35 -1.21 -30.02 8.07
CA ASP A 35 -1.62 -29.02 9.05
C ASP A 35 -1.05 -27.65 8.71
N ALA A 36 0.14 -27.61 8.13
CA ALA A 36 0.74 -26.32 7.80
C ALA A 36 -0.02 -25.65 6.66
N ILE A 37 -0.42 -26.43 5.65
CA ILE A 37 -1.16 -25.84 4.55
C ILE A 37 -2.52 -25.34 5.04
N ALA A 38 -3.13 -26.05 5.99
CA ALA A 38 -4.37 -25.55 6.57
C ALA A 38 -4.16 -24.26 7.35
N ARG A 39 -3.01 -24.08 7.99
CA ARG A 39 -2.76 -22.78 8.62
C ARG A 39 -2.57 -21.71 7.55
N LEU A 40 -1.92 -22.06 6.43
CA LEU A 40 -1.70 -21.13 5.34
C LEU A 40 -3.03 -20.63 4.78
N LYS A 41 -3.92 -21.56 4.43
CA LYS A 41 -5.25 -21.16 3.98
C LYS A 41 -5.92 -20.22 4.99
N GLU A 42 -5.85 -20.58 6.26
CA GLU A 42 -6.41 -19.71 7.29
C GLU A 42 -5.77 -18.33 7.29
N VAL A 43 -4.44 -18.27 7.14
CA VAL A 43 -3.79 -16.96 7.03
C VAL A 43 -4.30 -16.21 5.80
N LEU A 44 -4.44 -16.91 4.66
CA LEU A 44 -4.84 -16.27 3.42
C LEU A 44 -6.27 -15.73 3.52
N GLU A 45 -7.19 -16.55 4.02
CA GLU A 45 -8.57 -16.10 4.15
C GLU A 45 -8.67 -14.86 5.03
N TYR A 46 -7.97 -14.86 6.17
CA TYR A 46 -8.10 -13.73 7.09
C TYR A 46 -7.45 -12.47 6.53
N ASN A 47 -6.29 -12.61 5.90
CA ASN A 47 -5.44 -11.46 5.66
C ASN A 47 -5.41 -10.96 4.23
N ALA A 48 -5.88 -11.74 3.26
CA ALA A 48 -5.85 -11.31 1.87
C ALA A 48 -7.19 -10.79 1.39
N ILE A 49 -8.22 -10.86 2.23
CA ILE A 49 -9.58 -10.53 1.89
C ILE A 49 -10.03 -9.41 2.80
N GLY A 50 -10.89 -8.54 2.29
CA GLY A 50 -11.49 -7.50 3.09
C GLY A 50 -11.09 -6.09 2.74
N GLY A 51 -10.05 -5.91 1.93
CA GLY A 51 -9.61 -4.60 1.50
C GLY A 51 -10.35 -4.13 0.25
N LYS A 52 -9.86 -3.04 -0.34
CA LYS A 52 -10.49 -2.51 -1.55
C LYS A 52 -9.95 -3.18 -2.82
N TYR A 53 -8.78 -3.81 -2.75
CA TYR A 53 -8.17 -4.53 -3.85
C TYR A 53 -7.68 -3.59 -4.95
N ASN A 54 -7.38 -2.33 -4.64
CA ASN A 54 -7.03 -1.40 -5.69
C ASN A 54 -5.72 -1.80 -6.38
N ARG A 55 -4.76 -2.30 -5.61
CA ARG A 55 -3.45 -2.60 -6.18
C ARG A 55 -3.51 -3.78 -7.13
N GLY A 56 -4.23 -4.83 -6.75
CA GLY A 56 -4.32 -6.01 -7.60
C GLY A 56 -5.22 -5.76 -8.79
N LEU A 57 -6.32 -5.05 -8.55
CA LEU A 57 -7.18 -4.66 -9.66
C LEU A 57 -6.40 -3.85 -10.68
N THR A 58 -5.45 -3.02 -10.23
CA THR A 58 -4.69 -2.24 -11.19
C THR A 58 -3.97 -3.15 -12.19
N VAL A 59 -3.46 -4.29 -11.73
CA VAL A 59 -2.80 -5.22 -12.65
C VAL A 59 -3.78 -5.69 -13.72
N VAL A 60 -4.99 -6.07 -13.30
CA VAL A 60 -5.99 -6.57 -14.25
C VAL A 60 -6.45 -5.45 -15.17
N VAL A 61 -6.70 -4.25 -14.63
CA VAL A 61 -7.21 -3.17 -15.48
C VAL A 61 -6.13 -2.72 -16.46
N ALA A 62 -4.91 -2.49 -15.96
CA ALA A 62 -3.83 -2.10 -16.88
C ALA A 62 -3.58 -3.20 -17.91
N PHE A 63 -3.73 -4.47 -17.52
CA PHE A 63 -3.51 -5.53 -18.49
C PHE A 63 -4.50 -5.44 -19.64
N ARG A 64 -5.80 -5.42 -19.31
CA ARG A 64 -6.81 -5.30 -20.34
C ARG A 64 -6.55 -4.10 -21.23
N GLU A 65 -6.03 -3.01 -20.66
CA GLU A 65 -5.86 -1.78 -21.43
C GLU A 65 -4.59 -1.78 -22.27
N LEU A 66 -3.62 -2.64 -21.97
CA LEU A 66 -2.36 -2.66 -22.71
C LEU A 66 -2.27 -3.79 -23.73
N VAL A 67 -2.95 -4.89 -23.50
CA VAL A 67 -2.88 -6.06 -24.38
C VAL A 67 -3.93 -5.95 -25.46
N GLU A 68 -3.58 -6.40 -26.65
CA GLU A 68 -4.52 -6.40 -27.75
C GLU A 68 -5.61 -7.43 -27.50
N PRO A 69 -6.89 -7.08 -27.64
CA PRO A 69 -7.96 -8.06 -27.42
C PRO A 69 -7.70 -9.43 -28.02
N ARG A 70 -7.07 -9.47 -29.20
CA ARG A 70 -6.79 -10.73 -29.87
C ARG A 70 -5.73 -11.55 -29.15
N LYS A 71 -5.14 -11.01 -28.09
CA LYS A 71 -4.16 -11.73 -27.27
C LYS A 71 -4.63 -11.90 -25.83
N GLN A 72 -5.90 -11.61 -25.54
CA GLN A 72 -6.46 -11.76 -24.21
C GLN A 72 -7.29 -13.04 -24.12
N ASP A 73 -6.61 -14.16 -24.34
CA ASP A 73 -7.21 -15.47 -24.18
C ASP A 73 -7.40 -15.80 -22.70
N ALA A 74 -8.03 -16.95 -22.46
CA ALA A 74 -8.28 -17.40 -21.09
C ALA A 74 -7.00 -17.46 -20.27
N ASP A 75 -5.99 -18.19 -20.77
CA ASP A 75 -4.72 -18.30 -20.06
C ASP A 75 -4.12 -16.93 -19.79
N SER A 76 -4.02 -16.11 -20.83
CA SER A 76 -3.42 -14.79 -20.69
C SER A 76 -4.13 -13.97 -19.61
N LEU A 77 -5.46 -14.05 -19.58
CA LEU A 77 -6.21 -13.32 -18.57
C LEU A 77 -6.02 -13.93 -17.19
N GLN A 78 -5.93 -15.26 -17.12
CA GLN A 78 -5.71 -15.90 -15.84
C GLN A 78 -4.36 -15.50 -15.24
N ARG A 79 -3.32 -15.46 -16.08
CA ARG A 79 -2.04 -14.97 -15.59
C ARG A 79 -2.17 -13.56 -15.04
N ALA A 80 -2.98 -12.72 -15.69
CA ALA A 80 -3.11 -11.33 -15.25
C ALA A 80 -3.67 -11.24 -13.85
N TRP A 81 -4.78 -11.94 -13.57
CA TRP A 81 -5.37 -11.76 -12.24
C TRP A 81 -4.68 -12.62 -11.18
N THR A 82 -3.95 -13.66 -11.60
CA THR A 82 -3.04 -14.31 -10.67
C THR A 82 -1.97 -13.34 -10.19
N VAL A 83 -1.40 -12.55 -11.11
CA VAL A 83 -0.37 -11.60 -10.70
C VAL A 83 -0.98 -10.43 -9.94
N GLY A 84 -2.20 -10.02 -10.28
CA GLY A 84 -2.90 -9.08 -9.42
C GLY A 84 -3.02 -9.61 -8.00
N TRP A 85 -3.38 -10.88 -7.86
CA TRP A 85 -3.45 -11.46 -6.53
C TRP A 85 -2.08 -11.60 -5.87
N CYS A 86 -1.01 -11.76 -6.66
CA CYS A 86 0.32 -11.67 -6.08
C CYS A 86 0.56 -10.30 -5.44
N VAL A 87 0.13 -9.22 -6.10
CA VAL A 87 0.29 -7.91 -5.48
C VAL A 87 -0.52 -7.83 -4.20
N GLU A 88 -1.73 -8.36 -4.20
CA GLU A 88 -2.52 -8.38 -2.97
C GLU A 88 -1.80 -9.14 -1.86
N LEU A 89 -1.17 -10.28 -2.22
CA LEU A 89 -0.44 -11.07 -1.23
C LEU A 89 0.72 -10.27 -0.66
N LEU A 90 1.45 -9.56 -1.51
CA LEU A 90 2.52 -8.72 -1.01
C LEU A 90 1.98 -7.71 -0.02
N GLN A 91 0.83 -7.12 -0.33
CA GLN A 91 0.21 -6.14 0.57
C GLN A 91 -0.15 -6.79 1.91
N ALA A 92 -0.86 -7.92 1.87
CA ALA A 92 -1.22 -8.63 3.09
C ALA A 92 0.01 -8.92 3.94
N PHE A 93 1.10 -9.37 3.32
CA PHE A 93 2.34 -9.61 4.05
C PHE A 93 2.81 -8.34 4.76
N PHE A 94 2.89 -7.22 4.03
CA PHE A 94 3.31 -5.98 4.64
C PHE A 94 2.40 -5.61 5.80
N LEU A 95 1.09 -5.75 5.63
CA LEU A 95 0.16 -5.27 6.64
C LEU A 95 0.26 -6.10 7.91
N VAL A 96 0.28 -7.44 7.78
CA VAL A 96 0.36 -8.30 8.96
C VAL A 96 1.58 -7.94 9.79
N ALA A 97 2.71 -7.66 9.13
CA ALA A 97 3.93 -7.35 9.87
C ALA A 97 3.88 -5.93 10.43
N ASP A 98 3.35 -4.99 9.64
CA ASP A 98 3.31 -3.60 10.07
C ASP A 98 2.40 -3.41 11.27
N ASP A 99 1.30 -4.18 11.35
CA ASP A 99 0.38 -4.03 12.47
C ASP A 99 1.04 -4.46 13.78
N ILE A 100 1.88 -5.51 13.75
CA ILE A 100 2.71 -5.84 14.91
C ILE A 100 3.58 -4.64 15.25
N MET A 101 4.45 -4.24 14.32
CA MET A 101 5.40 -3.17 14.60
C MET A 101 4.72 -1.84 14.98
N ASP A 102 3.51 -1.58 14.50
CA ASP A 102 2.86 -0.32 14.85
C ASP A 102 1.93 -0.46 16.06
N SER A 103 1.83 -1.65 16.65
CA SER A 103 0.93 -1.88 17.79
C SER A 103 -0.51 -1.52 17.43
N SER A 104 -0.93 -1.90 16.23
CA SER A 104 -2.26 -1.59 15.76
C SER A 104 -3.29 -2.54 16.38
N LEU A 105 -4.55 -2.13 16.33
CA LEU A 105 -5.65 -2.85 16.95
C LEU A 105 -6.53 -3.55 15.94
N THR A 106 -6.90 -2.87 14.84
CA THR A 106 -7.83 -3.39 13.85
C THR A 106 -7.27 -3.12 12.48
N ARG A 107 -7.76 -3.89 11.49
CA ARG A 107 -7.31 -3.78 10.11
C ARG A 107 -8.45 -4.25 9.20
N ARG A 108 -8.88 -3.40 8.25
CA ARG A 108 -9.96 -3.81 7.37
C ARG A 108 -11.19 -4.25 8.15
N GLY A 109 -11.51 -3.54 9.23
CA GLY A 109 -12.75 -3.78 9.93
C GLY A 109 -12.81 -5.01 10.82
N GLN A 110 -11.66 -5.60 11.14
CA GLN A 110 -11.60 -6.70 12.11
C GLN A 110 -10.29 -6.60 12.86
N ILE A 111 -10.22 -7.31 13.98
CA ILE A 111 -9.05 -7.21 14.83
C ILE A 111 -7.84 -7.73 14.07
N CYS A 112 -6.71 -7.02 14.19
CA CYS A 112 -5.44 -7.42 13.60
C CYS A 112 -5.16 -8.90 13.82
N TRP A 113 -4.63 -9.54 12.79
CA TRP A 113 -4.31 -10.96 12.85
C TRP A 113 -3.45 -11.29 14.08
N TYR A 114 -2.43 -10.48 14.38
CA TYR A 114 -1.58 -10.82 15.52
C TYR A 114 -2.23 -10.55 16.87
N GLN A 115 -3.38 -9.87 16.90
CA GLN A 115 -4.12 -9.71 18.13
C GLN A 115 -5.09 -10.86 18.40
N LYS A 116 -5.33 -11.72 17.42
CA LYS A 116 -6.24 -12.82 17.64
C LYS A 116 -5.67 -13.70 18.76
N PRO A 117 -6.48 -14.05 19.75
CA PRO A 117 -6.04 -15.06 20.71
C PRO A 117 -5.50 -16.28 19.97
N GLY A 118 -4.30 -16.70 20.36
CA GLY A 118 -3.68 -17.90 19.82
C GLY A 118 -2.75 -17.68 18.64
N VAL A 119 -2.58 -16.44 18.19
CA VAL A 119 -1.71 -16.11 17.06
C VAL A 119 -0.47 -15.42 17.58
N GLY A 120 -0.62 -14.17 18.02
CA GLY A 120 0.48 -13.46 18.63
C GLY A 120 1.65 -13.30 17.68
N LEU A 121 2.87 -13.50 18.19
CA LEU A 121 4.06 -13.27 17.38
C LEU A 121 4.33 -14.39 16.38
N ASP A 122 3.60 -15.50 16.45
CA ASP A 122 3.55 -16.41 15.30
C ASP A 122 3.15 -15.69 14.01
N ALA A 123 2.37 -14.61 14.11
CA ALA A 123 2.03 -13.83 12.93
C ALA A 123 3.25 -13.44 12.12
N ILE A 124 4.43 -13.38 12.75
CA ILE A 124 5.64 -13.04 12.00
C ILE A 124 5.87 -14.07 10.92
N ASN A 125 5.73 -15.36 11.25
CA ASN A 125 5.93 -16.40 10.26
C ASN A 125 4.79 -16.41 9.25
N ASP A 126 3.54 -16.29 9.75
CA ASP A 126 2.39 -16.15 8.89
C ASP A 126 2.61 -15.09 7.82
N ALA A 127 3.13 -13.93 8.22
CA ALA A 127 3.32 -12.86 7.24
C ALA A 127 4.28 -13.30 6.14
N ASN A 128 5.40 -13.91 6.54
CA ASN A 128 6.36 -14.31 5.53
C ASN A 128 5.82 -15.41 4.63
N LEU A 129 4.93 -16.25 5.14
CA LEU A 129 4.28 -17.22 4.27
C LEU A 129 3.53 -16.53 3.14
N LEU A 130 2.85 -15.43 3.44
CA LEU A 130 2.14 -14.72 2.38
C LEU A 130 3.12 -14.29 1.30
N GLU A 131 4.31 -13.82 1.71
CA GLU A 131 5.32 -13.45 0.74
C GLU A 131 5.71 -14.65 -0.11
N ALA A 132 6.02 -15.78 0.54
CA ALA A 132 6.39 -16.98 -0.20
C ALA A 132 5.37 -17.31 -1.28
N CYS A 133 4.09 -17.01 -1.03
CA CYS A 133 3.03 -17.41 -1.95
C CYS A 133 3.10 -16.68 -3.29
N ILE A 134 3.50 -15.41 -3.28
CA ILE A 134 3.78 -14.69 -4.51
C ILE A 134 4.61 -15.56 -5.46
N TYR A 135 5.78 -15.99 -5.00
CA TYR A 135 6.69 -16.70 -5.88
C TYR A 135 6.19 -18.10 -6.22
N ARG A 136 5.50 -18.76 -5.29
CA ARG A 136 4.78 -19.97 -5.64
C ARG A 136 3.87 -19.74 -6.84
N LEU A 137 3.16 -18.61 -6.85
CA LEU A 137 2.17 -18.35 -7.91
C LEU A 137 2.86 -17.99 -9.21
N LEU A 138 3.85 -17.10 -9.16
CA LEU A 138 4.61 -16.75 -10.37
C LEU A 138 5.15 -18.00 -11.05
N LYS A 139 5.69 -18.94 -10.27
CA LYS A 139 6.22 -20.14 -10.90
C LYS A 139 5.11 -20.99 -11.50
N LEU A 140 3.98 -21.10 -10.80
CA LEU A 140 2.90 -21.96 -11.26
C LEU A 140 2.28 -21.45 -12.55
N TYR A 141 2.27 -20.15 -12.77
CA TYR A 141 1.54 -19.59 -13.88
C TYR A 141 2.39 -18.84 -14.89
N CYS A 142 3.58 -18.38 -14.52
CA CYS A 142 4.34 -17.50 -15.40
C CYS A 142 5.74 -17.97 -15.77
N ARG A 143 6.18 -19.14 -15.30
CA ARG A 143 7.58 -19.50 -15.51
C ARG A 143 7.94 -19.69 -16.98
N GLU A 144 6.98 -19.97 -17.87
CA GLU A 144 7.29 -20.11 -19.28
C GLU A 144 7.04 -18.85 -20.10
N GLN A 145 6.58 -17.79 -19.47
CA GLN A 145 6.42 -16.52 -20.14
C GLN A 145 7.78 -15.82 -20.25
N PRO A 146 8.01 -15.03 -21.29
CA PRO A 146 9.30 -14.33 -21.40
C PRO A 146 9.50 -13.27 -20.34
N TYR A 147 8.46 -12.90 -19.59
CA TYR A 147 8.54 -11.86 -18.57
C TYR A 147 8.70 -12.44 -17.17
N TYR A 148 8.98 -13.74 -17.05
CA TYR A 148 9.06 -14.40 -15.74
C TYR A 148 10.05 -13.70 -14.83
N LEU A 149 11.30 -13.56 -15.30
CA LEU A 149 12.34 -12.96 -14.47
C LEU A 149 12.05 -11.49 -14.17
N ASN A 150 11.56 -10.74 -15.16
CA ASN A 150 11.21 -9.34 -14.89
C ASN A 150 10.24 -9.25 -13.73
N LEU A 151 9.20 -10.10 -13.70
CA LEU A 151 8.22 -10.04 -12.65
C LEU A 151 8.85 -10.41 -11.30
N ILE A 152 9.60 -11.51 -11.25
CA ILE A 152 10.27 -11.90 -10.00
C ILE A 152 11.12 -10.76 -9.46
N GLU A 153 11.98 -10.21 -10.31
CA GLU A 153 12.85 -9.11 -9.88
C GLU A 153 12.03 -7.89 -9.45
N LEU A 154 10.89 -7.63 -10.12
CA LEU A 154 10.08 -6.47 -9.75
C LEU A 154 9.41 -6.66 -8.39
N PHE A 155 8.86 -7.84 -8.11
CA PHE A 155 8.35 -8.09 -6.76
C PHE A 155 9.47 -8.04 -5.71
N LEU A 156 10.63 -8.64 -5.99
CA LEU A 156 11.73 -8.63 -5.01
C LEU A 156 12.18 -7.21 -4.71
N GLN A 157 12.43 -6.42 -5.76
CA GLN A 157 12.84 -5.05 -5.55
C GLN A 157 11.78 -4.26 -4.81
N SER A 158 10.50 -4.58 -5.03
CA SER A 158 9.45 -3.87 -4.33
C SER A 158 9.51 -4.16 -2.83
N SER A 159 9.71 -5.43 -2.45
CA SER A 159 9.96 -5.77 -1.06
C SER A 159 11.10 -4.93 -0.49
N TYR A 160 12.25 -4.97 -1.15
CA TYR A 160 13.39 -4.20 -0.68
C TYR A 160 13.02 -2.74 -0.49
N GLN A 161 12.36 -2.18 -1.50
CA GLN A 161 11.93 -0.78 -1.47
C GLN A 161 11.10 -0.48 -0.24
N THR A 162 10.05 -1.27 -0.02
CA THR A 162 9.14 -0.95 1.07
C THR A 162 9.84 -1.15 2.41
N GLU A 163 10.68 -2.19 2.49
CA GLU A 163 11.40 -2.47 3.73
C GLU A 163 12.43 -1.40 4.01
N ILE A 164 13.03 -0.82 2.98
CA ILE A 164 13.89 0.33 3.21
C ILE A 164 13.06 1.51 3.69
N GLY A 165 11.87 1.70 3.09
CA GLY A 165 10.98 2.75 3.54
C GLY A 165 10.51 2.53 4.96
N GLN A 166 10.14 1.29 5.29
CA GLN A 166 9.73 0.97 6.65
C GLN A 166 10.85 1.28 7.65
N THR A 167 12.10 0.96 7.30
CA THR A 167 13.22 1.29 8.18
C THR A 167 13.27 2.79 8.45
N LEU A 168 13.13 3.61 7.41
CA LEU A 168 13.10 5.05 7.61
C LEU A 168 11.93 5.45 8.51
N ASP A 169 10.74 4.91 8.23
CA ASP A 169 9.58 5.06 9.10
C ASP A 169 9.96 4.84 10.58
N LEU A 170 10.52 3.68 10.91
CA LEU A 170 10.81 3.33 12.30
C LEU A 170 11.94 4.16 12.89
N LEU A 171 13.00 4.40 12.12
CA LEU A 171 14.09 5.21 12.64
C LEU A 171 13.67 6.65 12.90
N THR A 172 12.66 7.14 12.20
CA THR A 172 12.21 8.51 12.47
C THR A 172 11.20 8.56 13.60
N ALA A 173 10.66 7.43 14.02
CA ALA A 173 9.67 7.37 15.10
C ALA A 173 10.18 6.49 16.23
N PRO A 174 11.36 6.79 16.79
CA PRO A 174 11.80 6.03 17.96
C PRO A 174 10.83 6.21 19.12
N GLN A 175 10.45 5.09 19.71
CA GLN A 175 9.54 5.13 20.84
C GLN A 175 10.22 5.78 22.03
N GLY A 176 9.50 6.68 22.69
CA GLY A 176 9.99 7.32 23.89
C GLY A 176 10.92 8.50 23.69
N ASN A 177 11.07 8.99 22.47
CA ASN A 177 12.00 10.08 22.18
C ASN A 177 11.25 11.23 21.50
N VAL A 178 11.24 12.39 22.15
CA VAL A 178 10.75 13.62 21.54
C VAL A 178 11.47 13.80 20.22
N ASP A 179 10.72 13.87 19.15
CA ASP A 179 11.27 13.65 17.83
C ASP A 179 11.20 14.86 16.91
N LEU A 180 10.61 15.97 17.35
CA LEU A 180 10.08 16.94 16.40
C LEU A 180 11.12 17.40 15.39
N VAL A 181 12.39 17.50 15.80
CA VAL A 181 13.42 18.01 14.90
C VAL A 181 13.50 17.22 13.60
N ARG A 182 13.24 15.90 13.66
CA ARG A 182 13.36 15.05 12.48
C ARG A 182 12.21 15.19 11.49
N PHE A 183 11.06 15.71 11.92
CA PHE A 183 9.83 15.66 11.13
C PHE A 183 9.85 16.78 10.10
N THR A 184 10.52 16.52 8.98
CA THR A 184 10.66 17.51 7.92
C THR A 184 9.99 17.01 6.66
N GLU A 185 9.62 17.96 5.80
CA GLU A 185 9.07 17.60 4.50
C GLU A 185 10.02 16.69 3.74
N LYS A 186 11.33 16.93 3.85
CA LYS A 186 12.27 16.20 3.02
C LYS A 186 12.40 14.76 3.50
N ARG A 187 12.39 14.55 4.81
CA ARG A 187 12.37 13.19 5.33
C ARG A 187 11.04 12.51 5.04
N TYR A 188 9.94 13.27 5.12
CA TYR A 188 8.63 12.68 4.87
C TYR A 188 8.54 12.16 3.44
N LYS A 189 8.97 12.96 2.47
CA LYS A 189 8.88 12.56 1.07
C LYS A 189 9.69 11.30 0.81
N SER A 190 10.90 11.21 1.40
CA SER A 190 11.71 10.00 1.29
C SER A 190 11.00 8.78 1.85
N ILE A 191 10.47 8.90 3.07
CA ILE A 191 9.83 7.74 3.70
C ILE A 191 8.80 7.14 2.77
N VAL A 192 7.90 7.97 2.27
CA VAL A 192 6.71 7.42 1.62
C VAL A 192 7.02 7.02 0.18
N LYS A 193 7.98 7.68 -0.46
CA LYS A 193 8.45 7.23 -1.76
C LYS A 193 8.82 5.75 -1.71
N TYR A 194 9.61 5.36 -0.71
CA TYR A 194 10.06 3.97 -0.59
C TYR A 194 9.02 3.07 0.07
N LYS A 195 8.39 3.50 1.15
CA LYS A 195 7.56 2.54 1.88
C LYS A 195 6.22 2.32 1.23
N THR A 196 5.68 3.30 0.50
CA THR A 196 4.34 3.16 -0.05
C THR A 196 4.32 3.27 -1.57
N ALA A 197 4.96 4.28 -2.13
CA ALA A 197 4.67 4.65 -3.52
C ALA A 197 5.15 3.57 -4.49
N PHE A 198 6.30 2.96 -4.21
CA PHE A 198 6.86 2.03 -5.18
C PHE A 198 5.96 0.82 -5.36
N TYR A 199 5.54 0.20 -4.26
CA TYR A 199 4.80 -1.05 -4.38
C TYR A 199 3.31 -0.87 -4.56
N SER A 200 2.77 0.28 -4.17
CA SER A 200 1.34 0.48 -4.31
C SER A 200 0.97 0.99 -5.68
N PHE A 201 1.91 1.59 -6.40
CA PHE A 201 1.58 2.26 -7.64
C PHE A 201 2.49 1.86 -8.80
N TYR A 202 3.81 1.85 -8.58
CA TYR A 202 4.68 1.45 -9.68
C TYR A 202 4.53 -0.03 -9.96
N LEU A 203 4.59 -0.86 -8.91
CA LEU A 203 4.57 -2.31 -9.06
C LEU A 203 3.42 -2.81 -9.92
N PRO A 204 2.16 -2.49 -9.65
CA PRO A 204 1.09 -3.10 -10.46
C PRO A 204 1.07 -2.63 -11.91
N ILE A 205 1.29 -1.34 -12.17
CA ILE A 205 1.39 -0.90 -13.55
C ILE A 205 2.61 -1.54 -14.22
N ALA A 206 3.74 -1.58 -13.50
CA ALA A 206 4.94 -2.17 -14.10
C ALA A 206 4.72 -3.64 -14.43
N ALA A 207 4.12 -4.41 -13.51
CA ALA A 207 3.82 -5.80 -13.80
C ALA A 207 2.97 -5.96 -15.05
N ALA A 208 1.92 -5.14 -15.15
CA ALA A 208 1.09 -5.20 -16.34
C ALA A 208 1.90 -4.83 -17.58
N MET A 209 2.75 -3.81 -17.46
CA MET A 209 3.60 -3.44 -18.58
C MET A 209 4.42 -4.64 -19.05
N TYR A 210 5.14 -5.28 -18.10
CA TYR A 210 5.97 -6.42 -18.48
C TYR A 210 5.14 -7.53 -19.12
N MET A 211 3.97 -7.83 -18.53
CA MET A 211 3.12 -8.88 -19.08
C MET A 211 2.68 -8.55 -20.50
N ALA A 212 2.57 -7.26 -20.82
CA ALA A 212 2.24 -6.80 -22.15
C ALA A 212 3.45 -6.71 -23.07
N GLY A 213 4.61 -7.19 -22.65
CA GLY A 213 5.79 -7.06 -23.48
C GLY A 213 6.39 -5.67 -23.53
N ILE A 214 5.94 -4.75 -22.69
CA ILE A 214 6.47 -3.38 -22.65
C ILE A 214 7.55 -3.38 -21.58
N ASP A 215 8.78 -3.69 -21.95
CA ASP A 215 9.86 -3.67 -20.96
C ASP A 215 10.90 -2.59 -21.25
N GLY A 216 10.62 -1.68 -22.18
CA GLY A 216 11.50 -0.56 -22.42
C GLY A 216 11.78 0.22 -21.16
N GLU A 217 13.05 0.58 -20.94
CA GLU A 217 13.44 1.31 -19.74
C GLU A 217 12.82 2.70 -19.69
N LYS A 218 12.95 3.46 -20.78
CA LYS A 218 12.38 4.81 -20.85
C LYS A 218 10.90 4.81 -20.49
N GLU A 219 10.15 3.82 -20.98
CA GLU A 219 8.71 3.79 -20.74
C GLU A 219 8.42 3.51 -19.27
N HIS A 220 9.13 2.54 -18.69
CA HIS A 220 8.96 2.26 -17.28
C HIS A 220 9.31 3.48 -16.43
N ALA A 221 10.38 4.18 -16.81
CA ALA A 221 10.75 5.39 -16.08
C ALA A 221 9.67 6.46 -16.18
N ASN A 222 9.12 6.65 -17.38
CA ASN A 222 8.04 7.62 -17.55
C ASN A 222 6.81 7.22 -16.74
N ALA A 223 6.40 5.97 -16.84
CA ALA A 223 5.35 5.44 -15.97
C ALA A 223 5.68 5.73 -14.51
N LYS A 224 6.84 5.26 -14.06
CA LYS A 224 7.24 5.46 -12.67
C LYS A 224 7.07 6.91 -12.25
N LYS A 225 7.56 7.84 -13.06
CA LYS A 225 7.46 9.26 -12.74
C LYS A 225 6.05 9.62 -12.32
N ILE A 226 5.06 9.16 -13.09
CA ILE A 226 3.66 9.44 -12.73
C ILE A 226 3.33 8.77 -11.40
N LEU A 227 3.64 7.48 -11.28
CA LEU A 227 3.06 6.66 -10.23
C LEU A 227 3.67 6.96 -8.85
N LEU A 228 4.96 7.31 -8.80
CA LEU A 228 5.55 7.65 -7.50
C LEU A 228 4.91 8.92 -6.93
N GLU A 229 4.53 9.88 -7.77
CA GLU A 229 3.88 11.05 -7.22
C GLU A 229 2.45 10.74 -6.78
N MET A 230 1.77 9.85 -7.50
CA MET A 230 0.46 9.38 -7.01
C MET A 230 0.61 8.68 -5.66
N GLY A 231 1.59 7.78 -5.54
CA GLY A 231 1.81 7.13 -4.27
C GLY A 231 2.11 8.11 -3.14
N GLU A 232 2.81 9.21 -3.46
CA GLU A 232 3.08 10.21 -2.42
C GLU A 232 1.78 10.79 -1.89
N PHE A 233 0.88 11.21 -2.78
CA PHE A 233 -0.42 11.70 -2.33
C PHE A 233 -1.19 10.61 -1.61
N PHE A 234 -1.13 9.38 -2.12
CA PHE A 234 -1.86 8.29 -1.48
C PHE A 234 -1.45 8.14 -0.02
N GLN A 235 -0.15 8.21 0.29
CA GLN A 235 0.28 8.07 1.67
C GLN A 235 -0.13 9.29 2.50
N ILE A 236 -0.01 10.49 1.92
CA ILE A 236 -0.49 11.70 2.60
C ILE A 236 -1.96 11.55 2.96
N GLN A 237 -2.75 10.95 2.07
CA GLN A 237 -4.16 10.70 2.37
C GLN A 237 -4.31 9.67 3.49
N ASP A 238 -3.48 8.62 3.47
CA ASP A 238 -3.49 7.63 4.55
C ASP A 238 -3.19 8.29 5.89
N ASP A 239 -2.14 9.09 5.96
CA ASP A 239 -1.83 9.86 7.17
C ASP A 239 -3.02 10.71 7.62
N TYR A 240 -3.62 11.44 6.70
CA TYR A 240 -4.78 12.23 7.07
C TYR A 240 -5.86 11.34 7.67
N LEU A 241 -6.12 10.20 7.01
CA LEU A 241 -7.18 9.33 7.49
C LEU A 241 -6.85 8.70 8.83
N ASP A 242 -5.57 8.53 9.15
CA ASP A 242 -5.21 7.88 10.40
C ASP A 242 -5.90 8.56 11.57
N LEU A 243 -5.90 9.89 11.56
CA LEU A 243 -6.52 10.69 12.61
C LEU A 243 -7.93 11.15 12.26
N PHE A 244 -8.14 11.63 11.03
CA PHE A 244 -9.38 12.34 10.70
C PHE A 244 -10.36 11.51 9.87
N GLY A 245 -10.07 10.24 9.60
CA GLY A 245 -10.97 9.43 8.83
C GLY A 245 -12.09 8.80 9.66
N ASP A 246 -13.19 8.46 8.99
CA ASP A 246 -14.30 7.77 9.66
C ASP A 246 -13.90 6.33 9.95
N PRO A 247 -13.74 5.96 11.22
CA PRO A 247 -13.13 4.64 11.52
C PRO A 247 -13.95 3.48 11.01
N SER A 248 -15.26 3.67 10.79
CA SER A 248 -16.08 2.60 10.23
C SER A 248 -15.91 2.46 8.72
N VAL A 249 -15.35 3.46 8.06
CA VAL A 249 -15.00 3.34 6.65
C VAL A 249 -13.60 2.80 6.47
N THR A 250 -12.62 3.35 7.20
CA THR A 250 -11.23 2.94 7.01
C THR A 250 -10.97 1.53 7.53
N GLY A 251 -11.80 1.03 8.44
CA GLY A 251 -11.59 -0.29 9.00
C GLY A 251 -10.40 -0.43 9.93
N LYS A 252 -9.80 0.69 10.36
CA LYS A 252 -8.61 0.62 11.20
C LYS A 252 -8.52 1.86 12.08
N ILE A 253 -7.94 1.68 13.25
CA ILE A 253 -7.79 2.71 14.26
C ILE A 253 -6.42 3.35 14.12
N GLY A 254 -6.38 4.69 14.15
CA GLY A 254 -5.13 5.40 13.95
C GLY A 254 -4.19 5.22 15.13
N THR A 255 -2.88 5.23 14.84
CA THR A 255 -1.83 5.11 15.85
C THR A 255 -0.71 6.12 15.66
N ASP A 256 -0.77 6.98 14.62
CA ASP A 256 0.40 7.76 14.24
C ASP A 256 0.91 8.64 15.37
N ILE A 257 0.00 9.31 16.09
CA ILE A 257 0.42 10.23 17.16
C ILE A 257 1.05 9.47 18.30
N GLN A 258 0.36 8.43 18.79
CA GLN A 258 0.89 7.58 19.85
C GLN A 258 2.26 7.01 19.46
N ASP A 259 2.39 6.57 18.20
CA ASP A 259 3.57 5.90 17.67
C ASP A 259 4.68 6.86 17.25
N ASN A 260 4.49 8.17 17.41
CA ASN A 260 5.57 9.13 17.20
C ASN A 260 5.99 9.17 15.74
N LYS A 261 5.03 8.90 14.84
CA LYS A 261 5.29 8.76 13.41
C LYS A 261 5.53 10.11 12.75
N CYS A 262 6.36 10.09 11.71
CA CYS A 262 6.60 11.25 10.86
C CYS A 262 5.44 11.36 9.85
N SER A 263 4.29 11.78 10.38
CA SER A 263 3.06 11.97 9.64
C SER A 263 3.11 13.25 8.82
N TRP A 264 2.41 13.25 7.68
CA TRP A 264 2.24 14.49 6.94
C TRP A 264 1.56 15.53 7.82
N LEU A 265 0.64 15.09 8.68
CA LEU A 265 -0.04 16.00 9.59
C LEU A 265 0.94 16.71 10.52
N VAL A 266 1.85 15.96 11.15
CA VAL A 266 2.76 16.60 12.09
C VAL A 266 3.75 17.48 11.33
N VAL A 267 4.17 17.04 10.15
CA VAL A 267 5.07 17.88 9.34
C VAL A 267 4.41 19.21 9.05
N GLN A 268 3.13 19.17 8.68
CA GLN A 268 2.39 20.39 8.42
C GLN A 268 2.16 21.20 9.69
N CYS A 269 2.00 20.52 10.82
CA CYS A 269 1.85 21.22 12.09
C CYS A 269 3.11 22.02 12.43
N LEU A 270 4.26 21.36 12.34
CA LEU A 270 5.52 22.02 12.68
C LEU A 270 5.78 23.21 11.78
N GLN A 271 5.26 23.21 10.56
CA GLN A 271 5.46 24.34 9.67
C GLN A 271 4.60 25.53 10.05
N ARG A 272 3.47 25.30 10.71
CA ARG A 272 2.55 26.36 11.06
C ARG A 272 2.54 26.70 12.54
N ALA A 273 3.30 25.99 13.37
CA ALA A 273 3.15 26.11 14.81
C ALA A 273 3.87 27.33 15.36
N THR A 274 3.16 28.14 16.14
CA THR A 274 3.82 29.16 16.94
C THR A 274 4.74 28.47 17.94
N PRO A 275 5.70 29.22 18.50
CA PRO A 275 6.52 28.64 19.58
C PRO A 275 5.68 28.02 20.68
N GLU A 276 4.64 28.73 21.12
CA GLU A 276 3.76 28.20 22.16
C GLU A 276 3.06 26.93 21.69
N GLN A 277 2.63 26.90 20.42
CA GLN A 277 2.01 25.69 19.88
C GLN A 277 3.01 24.57 19.66
N TYR A 278 4.27 24.90 19.32
CA TYR A 278 5.29 23.87 19.19
C TYR A 278 5.54 23.15 20.51
N GLN A 279 5.43 23.86 21.63
CA GLN A 279 5.60 23.24 22.93
C GLN A 279 4.45 22.29 23.22
N ILE A 280 3.22 22.71 22.93
CA ILE A 280 2.08 21.82 23.06
C ILE A 280 2.39 20.49 22.37
N LEU A 281 2.87 20.57 21.13
CA LEU A 281 3.22 19.38 20.39
C LEU A 281 4.31 18.58 21.10
N LYS A 282 5.42 19.23 21.43
CA LYS A 282 6.55 18.52 22.03
C LYS A 282 6.15 17.74 23.28
N GLU A 283 5.21 18.26 24.07
CA GLU A 283 4.84 17.61 25.33
C GLU A 283 3.79 16.53 25.18
N ASN A 284 3.10 16.45 24.04
CA ASN A 284 1.99 15.51 23.92
C ASN A 284 2.15 14.49 22.81
N TYR A 285 3.04 14.70 21.85
CA TYR A 285 3.19 13.78 20.74
C TYR A 285 3.90 12.52 21.17
N GLY A 286 3.61 11.41 20.49
CA GLY A 286 4.36 10.18 20.67
C GLY A 286 4.17 9.48 21.99
N GLN A 287 3.09 9.76 22.71
CA GLN A 287 2.78 9.13 23.97
C GLN A 287 1.43 8.42 23.89
N LYS A 288 1.26 7.42 24.76
CA LYS A 288 0.06 6.59 24.72
C LYS A 288 -1.14 7.22 25.42
N GLU A 289 -0.95 8.26 26.23
CA GLU A 289 -2.06 8.79 27.02
C GLU A 289 -3.11 9.39 26.09
N ALA A 290 -4.37 8.93 26.22
CA ALA A 290 -5.46 9.47 25.43
C ALA A 290 -5.55 10.99 25.57
N GLU A 291 -5.43 11.49 26.80
CA GLU A 291 -5.51 12.93 27.03
C GLU A 291 -4.49 13.69 26.18
N LYS A 292 -3.28 13.17 26.06
CA LYS A 292 -2.25 13.88 25.31
C LYS A 292 -2.47 13.77 23.80
N VAL A 293 -2.87 12.59 23.32
CA VAL A 293 -3.21 12.45 21.91
C VAL A 293 -4.30 13.44 21.53
N ALA A 294 -5.37 13.53 22.35
CA ALA A 294 -6.44 14.45 22.03
C ALA A 294 -5.94 15.88 21.92
N ARG A 295 -4.93 16.24 22.72
CA ARG A 295 -4.41 17.60 22.61
C ARG A 295 -3.71 17.82 21.28
N VAL A 296 -3.11 16.78 20.71
CA VAL A 296 -2.52 16.91 19.39
C VAL A 296 -3.61 17.16 18.36
N LYS A 297 -4.65 16.33 18.38
CA LYS A 297 -5.78 16.51 17.46
C LYS A 297 -6.36 17.92 17.56
N ALA A 298 -6.52 18.44 18.78
CA ALA A 298 -7.06 19.78 18.93
C ALA A 298 -6.14 20.82 18.30
N LEU A 299 -4.84 20.60 18.37
CA LEU A 299 -3.90 21.54 17.77
C LEU A 299 -4.00 21.49 16.25
N TYR A 300 -4.11 20.28 15.69
CA TYR A 300 -4.29 20.14 14.24
C TYR A 300 -5.55 20.85 13.77
N GLU A 301 -6.69 20.56 14.41
CA GLU A 301 -7.95 21.20 14.06
C GLU A 301 -7.88 22.71 14.28
N GLU A 302 -7.16 23.13 15.30
CA GLU A 302 -7.01 24.56 15.53
C GLU A 302 -6.10 25.20 14.48
N LEU A 303 -5.21 24.44 13.87
CA LEU A 303 -4.40 24.92 12.74
C LEU A 303 -5.06 24.63 11.39
N ASP A 304 -6.30 24.15 11.37
CA ASP A 304 -7.06 23.92 10.15
C ASP A 304 -6.36 22.96 9.20
N LEU A 305 -5.62 22.00 9.74
CA LEU A 305 -5.02 20.98 8.88
C LEU A 305 -6.06 20.24 8.05
N PRO A 306 -7.28 19.98 8.53
CA PRO A 306 -8.28 19.34 7.67
C PRO A 306 -8.56 20.14 6.41
N ALA A 307 -8.60 21.47 6.52
CA ALA A 307 -8.70 22.32 5.34
C ALA A 307 -7.38 22.35 4.56
N VAL A 308 -6.24 22.25 5.23
CA VAL A 308 -4.98 22.25 4.47
C VAL A 308 -4.85 20.96 3.68
N PHE A 309 -5.25 19.83 4.26
CA PHE A 309 -5.33 18.61 3.48
C PHE A 309 -6.26 18.77 2.27
N LEU A 310 -7.40 19.43 2.46
CA LEU A 310 -8.35 19.54 1.36
C LEU A 310 -7.72 20.30 0.20
N GLN A 311 -7.14 21.47 0.47
CA GLN A 311 -6.44 22.20 -0.59
C GLN A 311 -5.31 21.38 -1.18
N TYR A 312 -4.58 20.61 -0.35
CA TYR A 312 -3.48 19.82 -0.90
C TYR A 312 -4.00 18.77 -1.86
N GLU A 313 -5.09 18.09 -1.52
CA GLU A 313 -5.59 17.05 -2.41
C GLU A 313 -5.95 17.60 -3.79
N GLU A 314 -6.50 18.81 -3.86
CA GLU A 314 -6.87 19.36 -5.16
C GLU A 314 -5.64 19.82 -5.94
N ASP A 315 -4.68 20.49 -5.28
CA ASP A 315 -3.44 20.88 -5.97
C ASP A 315 -2.67 19.65 -6.43
N SER A 316 -2.62 18.61 -5.60
CA SER A 316 -1.90 17.41 -6.00
C SER A 316 -2.59 16.75 -7.18
N TYR A 317 -3.93 16.68 -7.14
CA TYR A 317 -4.69 16.12 -8.25
C TYR A 317 -4.30 16.79 -9.57
N SER A 318 -4.38 18.12 -9.62
CA SER A 318 -3.97 18.85 -10.81
C SER A 318 -2.54 18.55 -11.20
N HIS A 319 -1.67 18.33 -10.22
CA HIS A 319 -0.27 18.03 -10.51
C HIS A 319 -0.12 16.67 -11.18
N ILE A 320 -0.68 15.63 -10.57
CA ILE A 320 -0.67 14.32 -11.20
C ILE A 320 -1.26 14.39 -12.61
N MET A 321 -2.34 15.16 -12.79
CA MET A 321 -2.94 15.30 -14.10
C MET A 321 -1.94 15.89 -15.08
N ALA A 322 -1.28 16.99 -14.70
CA ALA A 322 -0.22 17.54 -15.54
C ALA A 322 0.82 16.46 -15.88
N LEU A 323 1.23 15.68 -14.87
CA LEU A 323 2.25 14.66 -15.10
C LEU A 323 1.77 13.59 -16.09
N ILE A 324 0.51 13.18 -15.97
CA ILE A 324 -0.04 12.21 -16.92
C ILE A 324 0.03 12.75 -18.34
N GLU A 325 -0.35 14.02 -18.52
CA GLU A 325 -0.24 14.61 -19.84
C GLU A 325 1.20 14.64 -20.33
N GLN A 326 2.17 14.75 -19.42
CA GLN A 326 3.56 14.81 -19.83
C GLN A 326 4.12 13.42 -20.18
N TYR A 327 3.79 12.40 -19.38
CA TYR A 327 4.52 11.15 -19.40
C TYR A 327 3.69 9.92 -19.79
N ALA A 328 2.38 10.07 -19.99
CA ALA A 328 1.57 8.89 -20.32
C ALA A 328 2.03 8.26 -21.64
N ALA A 329 2.23 9.06 -22.67
CA ALA A 329 2.60 8.52 -23.97
C ALA A 329 3.83 7.63 -23.87
N PRO A 330 3.84 6.53 -24.62
CA PRO A 330 2.72 6.23 -25.52
C PRO A 330 1.62 5.36 -24.88
N LEU A 331 1.64 5.14 -23.57
CA LEU A 331 0.62 4.32 -22.95
C LEU A 331 -0.74 5.03 -22.97
N PRO A 332 -1.85 4.29 -23.00
CA PRO A 332 -3.16 4.96 -23.03
C PRO A 332 -3.36 5.76 -21.76
N PRO A 333 -3.87 6.99 -21.87
CA PRO A 333 -4.08 7.79 -20.65
C PRO A 333 -4.95 7.10 -19.63
N ALA A 334 -5.99 6.37 -20.10
CA ALA A 334 -6.92 5.72 -19.19
C ALA A 334 -6.22 4.87 -18.15
N VAL A 335 -5.06 4.31 -18.47
CA VAL A 335 -4.32 3.50 -17.51
C VAL A 335 -4.10 4.25 -16.21
N PHE A 336 -3.78 5.54 -16.30
CA PHE A 336 -3.50 6.30 -15.08
C PHE A 336 -4.72 7.03 -14.58
N LEU A 337 -5.63 7.42 -15.47
CA LEU A 337 -6.86 8.07 -15.02
C LEU A 337 -7.75 7.10 -14.25
N GLY A 338 -7.78 5.83 -14.65
CA GLY A 338 -8.51 4.85 -13.87
C GLY A 338 -7.97 4.82 -12.44
N LEU A 339 -6.67 4.62 -12.28
CA LEU A 339 -6.09 4.60 -10.95
C LEU A 339 -6.32 5.92 -10.21
N ALA A 340 -6.00 7.04 -10.84
CA ALA A 340 -6.12 8.33 -10.15
C ALA A 340 -7.56 8.56 -9.71
N ARG A 341 -8.53 8.16 -10.55
CA ARG A 341 -9.91 8.32 -10.18
C ARG A 341 -10.25 7.53 -8.92
N LYS A 342 -9.55 6.43 -8.69
CA LYS A 342 -9.82 5.58 -7.55
C LYS A 342 -9.18 6.07 -6.25
N ILE A 343 -8.21 7.00 -6.30
CA ILE A 343 -7.63 7.53 -5.07
C ILE A 343 -8.04 8.97 -4.77
N TYR A 344 -8.67 9.67 -5.70
CA TYR A 344 -9.10 11.06 -5.45
C TYR A 344 -10.63 11.17 -5.35
#